data_6B3T
#
_entry.id   6B3T
#
_cell.length_a   175.547
_cell.length_b   175.547
_cell.length_c   120.722
_cell.angle_alpha   90.00
_cell.angle_beta   90.00
_cell.angle_gamma   120.00
#
_symmetry.space_group_name_H-M   'H 3 2'
#
loop_
_entity.id
_entity.type
_entity.pdbx_description
1 polymer 'N-acetyltransferase Eis'
2 non-polymer 'COENZYME A'
3 non-polymer 8-fluoro-5-methyl-3-{[2-(piperidin-1-yl)ethyl]sulfanyl}-5H-[1,2,4]triazino[5,6-b]indole
4 non-polymer 'SODIUM ION'
5 non-polymer 'SULFATE ION'
6 water water
#
_entity_poly.entity_id   1
_entity_poly.type   'polypeptide(L)'
_entity_poly.pdbx_seq_one_letter_code
;MGSSHHHHHHSSGLVPRGSHMTVTLCSPTEDDWPGMFLLAAASFTDFIGPESATAWRTLVPTDGAVVVRDGAGPGSEVVG
MALYMDLRLTVPGEVVLPTAGLSFVAVAPTHRRRGLLRAMCAELHRRIADSGYPVAALHASEGGIYGRFGYGPATTLHEL
TVDRRFARFHADAPGGGLGGSSVRLVRPTEHRGEFEAIYERWRQQVPGGLLRPQVLWDELLAEAKAAPGGDRESFALLHP
DGYALYRVDRTDLKLARVSELRAVTADAHCALWRALIGLDSMERISIITHPQDPLPHLLTDTRLARTTWRQDGLWLRIMN
VPAALEARGYAHEVGEFSTVLEVSDGGRFALKIGDGRARCTPTDAAAEIEMDRDVLGSLYLGAHRASTLAAANRLRTKDS
QLLRRLDAAFASDVPVQTAFEF
;
_entity_poly.pdbx_strand_id   A
#
loop_
_chem_comp.id
_chem_comp.type
_chem_comp.name
_chem_comp.formula
CJ7 non-polymer 8-fluoro-5-methyl-3-{[2-(piperidin-1-yl)ethyl]sulfanyl}-5H-[1,2,4]triazino[5,6-b]indole 'C17 H20 F N5 S'
COA non-polymer 'COENZYME A' 'C21 H36 N7 O16 P3 S'
NA non-polymer 'SODIUM ION' 'Na 1'
SO4 non-polymer 'SULFATE ION' 'O4 S -2'
#
# COMPACT_ATOMS: atom_id res chain seq x y z
N VAL A 23 -6.20 -13.40 32.07
CA VAL A 23 -5.83 -12.87 30.73
C VAL A 23 -7.03 -13.02 29.78
N THR A 24 -7.89 -12.01 29.76
CA THR A 24 -9.12 -12.01 28.96
C THR A 24 -8.98 -11.13 27.72
N LEU A 25 -9.78 -11.44 26.70
CA LEU A 25 -9.80 -10.70 25.44
C LEU A 25 -11.20 -10.11 25.24
N CYS A 26 -11.27 -8.83 24.92
CA CYS A 26 -12.55 -8.15 24.67
C CYS A 26 -12.41 -6.84 23.89
N SER A 27 -13.55 -6.32 23.46
CA SER A 27 -13.62 -5.02 22.79
C SER A 27 -13.39 -3.92 23.82
N PRO A 28 -12.60 -2.89 23.47
CA PRO A 28 -12.30 -1.86 24.45
C PRO A 28 -13.45 -0.91 24.73
N THR A 29 -13.59 -0.51 25.99
CA THR A 29 -14.48 0.57 26.41
C THR A 29 -13.69 1.87 26.34
N GLU A 30 -14.39 2.99 26.53
CA GLU A 30 -13.78 4.33 26.51
C GLU A 30 -12.64 4.51 27.52
N ASP A 31 -12.76 3.85 28.68
CA ASP A 31 -11.73 3.90 29.73
C ASP A 31 -10.42 3.14 29.39
N ASP A 32 -10.49 2.21 28.44
CA ASP A 32 -9.30 1.48 27.97
C ASP A 32 -8.35 2.29 27.08
N TRP A 33 -8.87 3.33 26.42
CA TRP A 33 -8.11 4.07 25.39
C TRP A 33 -6.88 4.87 25.86
N PRO A 34 -6.92 5.46 27.07
CA PRO A 34 -5.68 6.01 27.65
C PRO A 34 -4.57 4.97 27.83
N GLY A 35 -4.95 3.78 28.29
CA GLY A 35 -4.03 2.63 28.37
C GLY A 35 -3.50 2.16 27.03
N MET A 36 -4.34 2.20 26.00
CA MET A 36 -3.93 1.87 24.63
C MET A 36 -2.92 2.86 24.05
N PHE A 37 -3.14 4.16 24.30
CA PHE A 37 -2.20 5.20 23.88
C PHE A 37 -0.85 5.13 24.59
N LEU A 38 -0.87 4.70 25.86
CA LEU A 38 0.36 4.41 26.61
C LEU A 38 1.14 3.29 25.91
N LEU A 39 0.44 2.20 25.61
CA LEU A 39 1.02 1.06 24.87
C LEU A 39 1.58 1.49 23.50
N ALA A 40 0.80 2.30 22.78
CA ALA A 40 1.17 2.83 21.47
C ALA A 40 2.43 3.70 21.50
N ALA A 41 2.51 4.60 22.48
CA ALA A 41 3.64 5.51 22.65
C ALA A 41 4.95 4.76 22.94
N ALA A 42 4.85 3.65 23.67
CA ALA A 42 5.99 2.79 24.00
C ALA A 42 6.37 1.83 22.87
N SER A 43 5.40 1.50 22.01
CA SER A 43 5.58 0.51 20.93
C SER A 43 5.96 1.10 19.57
N PHE A 44 5.44 2.28 19.27
CA PHE A 44 5.65 2.94 17.96
C PHE A 44 6.40 4.26 18.14
N THR A 45 7.57 4.36 17.51
CA THR A 45 8.40 5.57 17.55
C THR A 45 7.80 6.74 16.75
N ASP A 46 6.91 6.44 15.82
CA ASP A 46 6.18 7.46 15.04
C ASP A 46 4.87 7.95 15.69
N PHE A 47 4.54 7.45 16.88
CA PHE A 47 3.34 7.88 17.62
C PHE A 47 3.46 9.35 18.03
N ILE A 48 2.42 10.12 17.73
CA ILE A 48 2.42 11.58 17.93
C ILE A 48 1.78 11.93 19.27
N GLY A 49 0.53 11.52 19.45
CA GLY A 49 -0.21 11.80 20.69
C GLY A 49 -1.69 11.47 20.64
N PRO A 50 -2.42 11.73 21.74
CA PRO A 50 -3.86 11.43 21.83
C PRO A 50 -4.73 12.13 20.78
N GLU A 51 -4.37 13.36 20.44
CA GLU A 51 -5.13 14.16 19.45
C GLU A 51 -5.08 13.51 18.07
N SER A 52 -3.86 13.24 17.62
CA SER A 52 -3.62 12.51 16.36
C SER A 52 -4.27 11.12 16.39
N ALA A 53 -4.08 10.40 17.48
CA ALA A 53 -4.64 9.05 17.64
C ALA A 53 -6.17 9.02 17.63
N THR A 54 -6.80 10.01 18.26
CA THR A 54 -8.27 10.16 18.28
C THR A 54 -8.83 10.40 16.87
N ALA A 55 -8.07 11.09 16.02
CA ALA A 55 -8.46 11.33 14.63
C ALA A 55 -8.44 10.05 13.80
N TRP A 56 -7.33 9.31 13.87
CA TRP A 56 -7.23 7.97 13.27
C TRP A 56 -8.33 7.01 13.76
N ARG A 57 -8.69 7.15 15.04
CA ARG A 57 -9.71 6.31 15.69
C ARG A 57 -11.11 6.43 15.07
N THR A 58 -11.40 7.56 14.42
CA THR A 58 -12.66 7.74 13.67
C THR A 58 -12.82 6.77 12.49
N LEU A 59 -11.71 6.25 11.96
CA LEU A 59 -11.72 5.25 10.89
C LEU A 59 -11.94 3.81 11.34
N VAL A 60 -11.93 3.58 12.66
CA VAL A 60 -12.16 2.26 13.24
C VAL A 60 -13.66 2.09 13.47
N PRO A 61 -14.28 1.04 12.89
CA PRO A 61 -15.70 0.82 13.12
C PRO A 61 -15.99 0.24 14.50
N THR A 62 -17.25 0.31 14.92
CA THR A 62 -17.72 -0.34 16.14
C THR A 62 -17.36 -1.83 16.09
N ASP A 63 -16.83 -2.34 17.20
CA ASP A 63 -16.32 -3.72 17.30
C ASP A 63 -15.13 -4.01 16.36
N GLY A 64 -14.41 -2.96 15.96
CA GLY A 64 -13.24 -3.09 15.09
C GLY A 64 -11.92 -3.22 15.85
N ALA A 65 -12.00 -3.15 17.18
CA ALA A 65 -10.82 -3.17 18.05
C ALA A 65 -10.94 -4.26 19.13
N VAL A 66 -9.80 -4.81 19.50
CA VAL A 66 -9.71 -5.76 20.62
C VAL A 66 -8.56 -5.35 21.54
N VAL A 67 -8.73 -5.62 22.83
CA VAL A 67 -7.68 -5.41 23.83
C VAL A 67 -7.53 -6.64 24.73
N VAL A 68 -6.33 -6.80 25.27
CA VAL A 68 -6.04 -7.81 26.30
C VAL A 68 -5.66 -7.07 27.57
N ARG A 69 -6.41 -7.32 28.64
CA ARG A 69 -6.09 -6.81 29.97
C ARG A 69 -5.44 -7.89 30.82
N ASP A 70 -4.66 -7.46 31.82
CA ASP A 70 -3.97 -8.38 32.73
C ASP A 70 -4.88 -8.75 33.90
N GLY A 71 -5.27 -10.04 33.96
CA GLY A 71 -6.13 -10.55 35.04
C GLY A 71 -7.45 -11.13 34.54
N SER A 76 -7.51 -2.94 35.84
CA SER A 76 -6.23 -3.49 35.39
C SER A 76 -5.81 -2.95 34.01
N GLU A 77 -4.52 -3.09 33.72
CA GLU A 77 -3.89 -2.45 32.54
C GLU A 77 -3.98 -3.24 31.23
N VAL A 78 -3.81 -2.51 30.13
CA VAL A 78 -3.83 -3.05 28.77
C VAL A 78 -2.43 -3.55 28.42
N VAL A 79 -2.35 -4.82 28.05
CA VAL A 79 -1.07 -5.48 27.67
C VAL A 79 -1.02 -5.95 26.22
N GLY A 80 -2.10 -5.75 25.49
CA GLY A 80 -2.19 -6.12 24.09
C GLY A 80 -3.34 -5.37 23.43
N MET A 81 -3.18 -5.07 22.15
CA MET A 81 -4.23 -4.41 21.39
C MET A 81 -4.05 -4.68 19.90
N ALA A 82 -5.18 -4.66 19.19
CA ALA A 82 -5.18 -4.78 17.75
C ALA A 82 -6.52 -4.25 17.25
N LEU A 83 -6.51 -3.70 16.05
CA LEU A 83 -7.73 -3.20 15.42
C LEU A 83 -7.60 -3.22 13.92
N TYR A 84 -8.72 -2.99 13.25
CA TYR A 84 -8.73 -2.73 11.82
C TYR A 84 -9.57 -1.49 11.53
N MET A 85 -9.25 -0.82 10.42
CA MET A 85 -10.00 0.33 9.93
C MET A 85 -10.72 -0.05 8.65
N ASP A 86 -11.79 0.69 8.38
CA ASP A 86 -12.58 0.50 7.16
C ASP A 86 -11.93 1.26 6.03
N LEU A 87 -11.40 0.53 5.05
CA LEU A 87 -10.73 1.14 3.90
C LEU A 87 -11.35 0.70 2.58
N ARG A 88 -11.00 1.42 1.53
CA ARG A 88 -11.44 1.14 0.16
C ARG A 88 -10.22 0.96 -0.73
N LEU A 89 -9.99 -0.27 -1.18
CA LEU A 89 -8.80 -0.64 -1.95
C LEU A 89 -9.14 -0.81 -3.40
N THR A 90 -8.37 -0.15 -4.27
CA THR A 90 -8.49 -0.34 -5.71
C THR A 90 -7.67 -1.56 -6.11
N VAL A 91 -8.29 -2.45 -6.89
CA VAL A 91 -7.64 -3.65 -7.43
C VAL A 91 -7.67 -3.57 -8.96
N PRO A 92 -6.93 -4.45 -9.67
CA PRO A 92 -6.91 -4.38 -11.15
C PRO A 92 -8.30 -4.43 -11.80
N GLY A 93 -8.46 -3.68 -12.89
CA GLY A 93 -9.75 -3.43 -13.52
C GLY A 93 -10.52 -2.26 -12.91
N GLU A 94 -9.80 -1.42 -12.17
CA GLU A 94 -10.38 -0.26 -11.47
C GLU A 94 -11.57 -0.59 -10.54
N VAL A 95 -11.51 -1.75 -9.90
CA VAL A 95 -12.55 -2.21 -8.99
C VAL A 95 -12.15 -1.84 -7.57
N VAL A 96 -13.09 -1.29 -6.82
CA VAL A 96 -12.86 -0.84 -5.45
C VAL A 96 -13.50 -1.83 -4.48
N LEU A 97 -12.67 -2.43 -3.61
CA LEU A 97 -13.13 -3.40 -2.61
C LEU A 97 -13.14 -2.80 -1.22
N PRO A 98 -14.16 -3.14 -0.40
CA PRO A 98 -14.05 -2.81 1.02
C PRO A 98 -12.95 -3.65 1.64
N THR A 99 -12.09 -3.03 2.43
CA THR A 99 -10.88 -3.68 2.93
C THR A 99 -10.69 -3.38 4.41
N ALA A 100 -10.42 -4.44 5.17
CA ALA A 100 -10.10 -4.33 6.59
C ALA A 100 -8.61 -4.04 6.76
N GLY A 101 -8.30 -2.79 7.08
CA GLY A 101 -6.92 -2.35 7.26
C GLY A 101 -6.41 -2.52 8.68
N LEU A 102 -5.72 -3.62 8.95
CA LEU A 102 -5.15 -3.88 10.29
C LEU A 102 -4.09 -2.85 10.65
N SER A 103 -4.11 -2.44 11.92
CA SER A 103 -3.23 -1.39 12.42
C SER A 103 -3.27 -1.35 13.94
N PHE A 104 -2.38 -0.53 14.50
CA PHE A 104 -2.32 -0.27 15.95
C PHE A 104 -2.14 -1.58 16.75
N VAL A 105 -1.41 -2.52 16.14
CA VAL A 105 -1.18 -3.83 16.72
C VAL A 105 0.01 -3.69 17.65
N ALA A 106 -0.11 -4.21 18.85
CA ALA A 106 0.97 -4.11 19.85
C ALA A 106 0.76 -5.10 20.98
N VAL A 107 1.87 -5.63 21.47
CA VAL A 107 1.89 -6.42 22.70
C VAL A 107 2.91 -5.77 23.62
N ALA A 108 2.59 -5.75 24.90
CA ALA A 108 3.49 -5.18 25.91
C ALA A 108 4.79 -5.99 25.97
N PRO A 109 5.94 -5.31 26.16
CA PRO A 109 7.21 -6.04 26.28
C PRO A 109 7.27 -6.98 27.50
N THR A 110 6.45 -6.67 28.50
CA THR A 110 6.25 -7.51 29.69
C THR A 110 5.40 -8.78 29.49
N HIS A 111 4.72 -8.90 28.34
CA HIS A 111 3.81 -10.04 28.06
C HIS A 111 4.10 -10.73 26.73
N ARG A 112 5.37 -10.78 26.35
CA ARG A 112 5.77 -11.46 25.12
C ARG A 112 5.76 -12.96 25.28
N ARG A 113 5.80 -13.64 24.14
CA ARG A 113 5.70 -15.08 24.01
C ARG A 113 4.69 -15.76 24.95
N ARG A 114 3.44 -15.37 24.74
CA ARG A 114 2.30 -15.80 25.56
C ARG A 114 1.00 -15.99 24.75
N GLY A 115 1.10 -16.05 23.41
CA GLY A 115 -0.06 -16.26 22.54
C GLY A 115 -1.09 -15.14 22.40
N LEU A 116 -0.75 -13.94 22.86
CA LEU A 116 -1.66 -12.78 22.78
C LEU A 116 -1.94 -12.31 21.35
N LEU A 117 -0.91 -12.28 20.51
CA LEU A 117 -1.08 -11.86 19.12
C LEU A 117 -1.94 -12.84 18.33
N ARG A 118 -1.58 -14.12 18.39
CA ARG A 118 -2.36 -15.17 17.73
C ARG A 118 -3.83 -15.17 18.18
N ALA A 119 -4.04 -14.89 19.47
CA ALA A 119 -5.38 -14.74 20.03
C ALA A 119 -6.12 -13.51 19.47
N MET A 120 -5.43 -12.37 19.43
CA MET A 120 -6.02 -11.11 18.94
C MET A 120 -6.30 -11.11 17.44
N CYS A 121 -5.34 -11.61 16.66
CA CYS A 121 -5.49 -11.72 15.20
C CYS A 121 -6.61 -12.69 14.79
N ALA A 122 -6.71 -13.81 15.51
CA ALA A 122 -7.77 -14.80 15.27
C ALA A 122 -9.17 -14.23 15.53
N GLU A 123 -9.29 -13.46 16.60
CA GLU A 123 -10.55 -12.78 16.94
C GLU A 123 -10.90 -11.71 15.91
N LEU A 124 -9.91 -10.90 15.52
CA LEU A 124 -10.13 -9.86 14.49
C LEU A 124 -10.51 -10.47 13.13
N HIS A 125 -9.83 -11.54 12.73
CA HIS A 125 -10.15 -12.23 11.47
C HIS A 125 -11.54 -12.85 11.45
N ARG A 126 -11.96 -13.39 12.59
CA ARG A 126 -13.33 -13.88 12.75
C ARG A 126 -14.34 -12.75 12.55
N ARG A 127 -14.09 -11.62 13.20
CA ARG A 127 -14.93 -10.41 13.07
C ARG A 127 -14.93 -9.83 11.64
N ILE A 128 -13.74 -9.79 11.02
CA ILE A 128 -13.58 -9.29 9.65
C ILE A 128 -14.32 -10.18 8.64
N ALA A 129 -14.18 -11.51 8.80
CA ALA A 129 -14.86 -12.48 7.95
C ALA A 129 -16.39 -12.42 8.08
N ASP A 130 -16.88 -12.40 9.32
CA ASP A 130 -18.32 -12.27 9.61
C ASP A 130 -18.94 -10.94 9.15
N SER A 131 -18.13 -9.88 9.13
CA SER A 131 -18.57 -8.56 8.66
C SER A 131 -18.73 -8.47 7.14
N GLY A 132 -18.10 -9.38 6.41
CA GLY A 132 -18.22 -9.48 4.95
C GLY A 132 -17.15 -8.79 4.13
N TYR A 133 -15.97 -8.58 4.73
CA TYR A 133 -14.82 -8.04 4.00
C TYR A 133 -14.21 -9.18 3.15
N PRO A 134 -14.05 -8.96 1.84
CA PRO A 134 -13.39 -9.98 1.01
C PRO A 134 -11.88 -10.06 1.22
N VAL A 135 -11.26 -8.93 1.60
CA VAL A 135 -9.82 -8.86 1.84
C VAL A 135 -9.51 -8.08 3.11
N ALA A 136 -8.36 -8.39 3.72
CA ALA A 136 -7.77 -7.59 4.78
C ALA A 136 -6.36 -7.19 4.36
N ALA A 137 -5.85 -6.12 4.94
CA ALA A 137 -4.55 -5.55 4.56
C ALA A 137 -3.80 -4.90 5.72
N LEU A 138 -2.49 -4.78 5.55
CA LEU A 138 -1.62 -4.14 6.55
C LEU A 138 -0.27 -3.72 5.97
N HIS A 139 0.45 -2.94 6.76
CA HIS A 139 1.87 -2.64 6.54
C HIS A 139 2.69 -3.27 7.66
N ALA A 140 3.69 -4.07 7.29
CA ALA A 140 4.43 -4.90 8.24
C ALA A 140 5.59 -4.15 8.89
N SER A 141 5.66 -4.22 10.22
CA SER A 141 6.80 -3.70 10.98
C SER A 141 8.05 -4.58 10.80
N GLU A 142 7.83 -5.90 10.72
CA GLU A 142 8.88 -6.86 10.36
C GLU A 142 8.32 -7.85 9.32
N GLY A 143 9.20 -8.32 8.44
CA GLY A 143 8.80 -9.16 7.31
C GLY A 143 8.49 -10.62 7.57
N GLY A 144 8.90 -11.14 8.73
CA GLY A 144 8.75 -12.58 9.04
C GLY A 144 7.63 -12.97 9.98
N ILE A 145 6.68 -12.05 10.21
CA ILE A 145 5.63 -12.22 11.22
C ILE A 145 4.29 -12.62 10.62
N TYR A 146 3.87 -11.90 9.58
CA TYR A 146 2.48 -11.95 9.11
C TYR A 146 2.16 -12.99 8.03
N GLY A 147 3.18 -13.62 7.47
CA GLY A 147 3.01 -14.74 6.53
C GLY A 147 2.22 -15.91 7.08
N ARG A 148 2.45 -16.23 8.35
CA ARG A 148 1.76 -17.34 9.03
C ARG A 148 0.28 -17.07 9.34
N PHE A 149 -0.10 -15.79 9.37
CA PHE A 149 -1.51 -15.37 9.51
C PHE A 149 -2.25 -15.17 8.18
N GLY A 150 -1.64 -15.57 7.07
CA GLY A 150 -2.27 -15.52 5.75
C GLY A 150 -2.01 -14.28 4.92
N TYR A 151 -1.20 -13.35 5.43
CA TYR A 151 -0.86 -12.12 4.70
C TYR A 151 0.37 -12.31 3.82
N GLY A 152 0.26 -11.86 2.57
CA GLY A 152 1.39 -11.88 1.63
C GLY A 152 1.68 -10.49 1.10
N PRO A 153 2.97 -10.16 0.88
CA PRO A 153 3.32 -8.83 0.38
C PRO A 153 2.85 -8.64 -1.06
N ALA A 154 2.08 -7.57 -1.29
CA ALA A 154 1.35 -7.36 -2.56
C ALA A 154 1.73 -6.10 -3.34
N THR A 155 2.50 -5.20 -2.73
CA THR A 155 3.06 -4.02 -3.42
C THR A 155 4.52 -3.90 -3.03
N THR A 156 5.32 -3.30 -3.92
CA THR A 156 6.77 -3.13 -3.72
C THR A 156 7.13 -1.65 -3.68
N LEU A 157 7.77 -1.24 -2.58
CA LEU A 157 8.32 0.11 -2.44
C LEU A 157 9.73 0.19 -3.01
N HIS A 158 10.05 1.36 -3.54
CA HIS A 158 11.24 1.57 -4.37
C HIS A 158 11.75 2.99 -4.13
N GLU A 159 12.85 3.15 -3.38
CA GLU A 159 13.44 4.48 -3.22
C GLU A 159 14.35 4.79 -4.38
N LEU A 160 14.02 5.86 -5.11
CA LEU A 160 14.91 6.44 -6.12
C LEU A 160 15.61 7.66 -5.55
N THR A 161 16.91 7.76 -5.82
CA THR A 161 17.72 8.93 -5.46
C THR A 161 18.40 9.43 -6.73
N VAL A 162 18.05 10.65 -7.13
CA VAL A 162 18.56 11.26 -8.35
C VAL A 162 19.63 12.29 -8.01
N ASP A 163 20.82 12.13 -8.58
CA ASP A 163 21.84 13.19 -8.56
C ASP A 163 21.44 14.20 -9.64
N ARG A 164 20.71 15.22 -9.23
CA ARG A 164 20.10 16.18 -10.16
C ARG A 164 21.06 17.16 -10.85
N ARG A 165 22.31 17.25 -10.37
CA ARG A 165 23.32 18.09 -11.01
C ARG A 165 23.70 17.63 -12.43
N PHE A 166 23.65 16.31 -12.65
CA PHE A 166 23.92 15.71 -13.96
C PHE A 166 22.66 15.45 -14.79
N ALA A 167 21.49 15.58 -14.16
CA ALA A 167 20.22 15.22 -14.78
C ALA A 167 19.87 16.14 -15.95
N ARG A 168 19.66 15.52 -17.10
CA ARG A 168 19.20 16.21 -18.30
C ARG A 168 18.12 15.36 -18.94
N PHE A 169 17.02 16.01 -19.31
CA PHE A 169 15.87 15.31 -19.89
C PHE A 169 16.12 14.91 -21.34
N HIS A 170 15.54 13.77 -21.71
CA HIS A 170 15.65 13.24 -23.07
C HIS A 170 14.86 14.15 -24.00
N ALA A 171 15.27 14.21 -25.26
CA ALA A 171 14.58 15.01 -26.30
C ALA A 171 13.08 14.66 -26.46
N ASP A 172 12.75 13.40 -26.18
CA ASP A 172 11.39 12.87 -26.25
C ASP A 172 10.51 13.19 -25.05
N ALA A 173 11.11 13.58 -23.93
CA ALA A 173 10.37 13.89 -22.69
C ALA A 173 9.33 15.00 -22.91
N PRO A 174 8.07 14.78 -22.45
CA PRO A 174 7.01 15.80 -22.63
C PRO A 174 7.27 17.13 -21.90
N GLY A 175 6.59 18.17 -22.37
CA GLY A 175 6.68 19.51 -21.77
C GLY A 175 8.07 20.13 -21.80
N GLY A 176 8.84 19.81 -22.84
CA GLY A 176 10.22 20.30 -23.00
C GLY A 176 10.37 21.30 -24.14
N GLY A 177 9.37 22.15 -24.31
CA GLY A 177 9.36 23.19 -25.34
C GLY A 177 9.43 24.58 -24.74
N LEU A 178 9.52 25.57 -25.63
CA LEU A 178 9.57 26.99 -25.24
C LEU A 178 8.20 27.48 -24.74
N GLY A 179 8.24 28.53 -23.93
CA GLY A 179 7.03 29.14 -23.37
C GLY A 179 6.88 28.92 -21.87
N GLY A 180 5.69 29.23 -21.36
CA GLY A 180 5.39 29.15 -19.93
C GLY A 180 5.18 27.73 -19.44
N SER A 181 5.63 27.48 -18.20
CA SER A 181 5.46 26.16 -17.57
C SER A 181 4.04 25.98 -17.03
N SER A 182 3.67 24.73 -16.85
CA SER A 182 2.36 24.33 -16.32
C SER A 182 2.35 24.13 -14.79
N VAL A 183 3.55 24.03 -14.19
CA VAL A 183 3.69 23.73 -12.76
C VAL A 183 3.88 25.02 -11.96
N ARG A 184 3.23 25.09 -10.80
CA ARG A 184 3.36 26.21 -9.85
C ARG A 184 3.96 25.76 -8.52
N LEU A 185 4.87 26.58 -7.98
CA LEU A 185 5.38 26.40 -6.63
C LEU A 185 4.39 27.03 -5.66
N VAL A 186 3.84 26.23 -4.73
CA VAL A 186 2.81 26.71 -3.80
C VAL A 186 2.99 26.17 -2.38
N ARG A 187 2.26 26.78 -1.45
CA ARG A 187 2.15 26.31 -0.08
C ARG A 187 1.08 25.22 0.00
N PRO A 188 1.40 24.06 0.62
CA PRO A 188 0.44 22.96 0.72
C PRO A 188 -0.95 23.32 1.28
N THR A 189 -0.98 24.01 2.42
CA THR A 189 -2.25 24.37 3.09
C THR A 189 -3.24 25.19 2.24
N GLU A 190 -2.72 26.03 1.36
CA GLU A 190 -3.55 26.91 0.52
C GLU A 190 -4.20 26.23 -0.69
N HIS A 191 -3.81 25.00 -1.01
CA HIS A 191 -4.34 24.26 -2.16
C HIS A 191 -4.72 22.82 -1.81
N ARG A 192 -5.35 22.66 -0.64
CA ARG A 192 -5.82 21.36 -0.17
C ARG A 192 -6.81 20.70 -1.11
N GLY A 193 -7.83 21.49 -1.50
CA GLY A 193 -8.89 21.03 -2.41
C GLY A 193 -8.40 20.46 -3.72
N GLU A 194 -7.40 21.10 -4.31
CA GLU A 194 -6.77 20.63 -5.54
C GLU A 194 -5.98 19.33 -5.37
N PHE A 195 -5.35 19.16 -4.21
CA PHE A 195 -4.63 17.91 -3.88
C PHE A 195 -5.57 16.73 -3.71
N GLU A 196 -6.63 16.96 -2.92
CA GLU A 196 -7.69 15.97 -2.72
C GLU A 196 -8.31 15.46 -4.02
N ALA A 197 -8.63 16.40 -4.91
CA ALA A 197 -9.23 16.08 -6.21
C ALA A 197 -8.30 15.23 -7.08
N ILE A 198 -7.04 15.65 -7.18
CA ILE A 198 -6.01 14.91 -7.94
C ILE A 198 -5.78 13.51 -7.38
N TYR A 199 -5.65 13.41 -6.06
CA TYR A 199 -5.44 12.12 -5.39
C TYR A 199 -6.63 11.18 -5.58
N GLU A 200 -7.83 11.71 -5.40
CA GLU A 200 -9.08 10.96 -5.61
C GLU A 200 -9.17 10.35 -7.02
N ARG A 201 -8.77 11.12 -8.03
CA ARG A 201 -8.67 10.61 -9.40
C ARG A 201 -7.62 9.51 -9.52
N TRP A 202 -6.46 9.74 -8.91
CA TRP A 202 -5.35 8.80 -8.93
C TRP A 202 -5.69 7.44 -8.31
N ARG A 203 -6.21 7.47 -7.09
CA ARG A 203 -6.48 6.25 -6.31
C ARG A 203 -7.52 5.33 -6.96
N GLN A 204 -8.49 5.93 -7.65
CA GLN A 204 -9.55 5.18 -8.33
C GLN A 204 -9.08 4.36 -9.54
N GLN A 205 -8.02 4.80 -10.19
CA GLN A 205 -7.56 4.17 -11.44
C GLN A 205 -6.25 3.37 -11.33
N VAL A 206 -5.72 3.21 -10.11
CA VAL A 206 -4.44 2.54 -9.88
C VAL A 206 -4.61 1.42 -8.84
N PRO A 207 -4.18 0.18 -9.17
CA PRO A 207 -4.18 -0.90 -8.18
C PRO A 207 -3.28 -0.58 -6.98
N GLY A 208 -3.82 -0.78 -5.78
CA GLY A 208 -3.17 -0.37 -4.53
C GLY A 208 -3.63 0.98 -4.01
N GLY A 209 -4.38 1.73 -4.83
CA GLY A 209 -4.96 3.01 -4.41
C GLY A 209 -5.93 2.85 -3.26
N LEU A 210 -5.88 3.78 -2.32
CA LEU A 210 -6.75 3.80 -1.15
C LEU A 210 -7.44 5.15 -1.08
N LEU A 211 -8.73 5.15 -0.72
CA LEU A 211 -9.44 6.38 -0.40
C LEU A 211 -8.79 6.96 0.84
N ARG A 212 -8.41 8.24 0.77
CA ARG A 212 -7.87 8.96 1.93
C ARG A 212 -8.96 9.84 2.53
N PRO A 213 -9.44 9.51 3.74
CA PRO A 213 -10.45 10.36 4.41
C PRO A 213 -9.92 11.73 4.84
N GLN A 214 -10.85 12.62 5.17
CA GLN A 214 -10.54 14.00 5.59
C GLN A 214 -9.54 14.07 6.74
N VAL A 215 -9.72 13.21 7.74
CA VAL A 215 -8.85 13.18 8.92
C VAL A 215 -7.37 12.88 8.60
N LEU A 216 -7.12 12.09 7.56
CA LEU A 216 -5.74 11.81 7.12
C LEU A 216 -5.14 12.95 6.28
N TRP A 217 -5.99 13.67 5.55
CA TRP A 217 -5.57 14.93 4.92
C TRP A 217 -5.23 16.00 5.96
N ASP A 218 -5.99 16.04 7.07
CA ASP A 218 -5.67 16.91 8.22
C ASP A 218 -4.28 16.60 8.78
N GLU A 219 -3.98 15.31 8.95
CA GLU A 219 -2.69 14.85 9.47
C GLU A 219 -1.53 15.18 8.52
N LEU A 220 -1.75 14.87 7.25
CA LEU A 220 -0.76 15.13 6.19
C LEU A 220 -0.35 16.61 6.15
N LEU A 221 -1.34 17.48 6.13
CA LEU A 221 -1.10 18.94 6.13
C LEU A 221 -0.50 19.48 7.43
N ALA A 222 -0.83 18.83 8.55
CA ALA A 222 -0.17 19.12 9.83
C ALA A 222 1.32 18.76 9.81
N GLU A 223 1.66 17.66 9.15
CA GLU A 223 3.06 17.24 8.97
C GLU A 223 3.89 18.15 8.06
N ALA A 224 3.22 18.90 7.18
CA ALA A 224 3.88 19.78 6.21
C ALA A 224 4.53 21.03 6.81
N LYS A 225 4.02 21.49 7.96
CA LYS A 225 4.60 22.66 8.65
C LYS A 225 5.94 22.30 9.29
N ALA A 226 6.77 23.31 9.49
CA ALA A 226 8.06 23.14 10.17
C ALA A 226 7.85 22.83 11.64
N ALA A 227 8.59 21.86 12.14
CA ALA A 227 8.51 21.43 13.54
C ALA A 227 9.70 22.00 14.32
N PRO A 228 9.46 22.50 15.56
CA PRO A 228 10.58 23.03 16.36
C PRO A 228 11.56 21.91 16.76
N GLY A 229 12.74 21.94 16.16
CA GLY A 229 13.72 20.86 16.31
C GLY A 229 13.35 19.56 15.61
N GLY A 230 12.53 19.67 14.57
CA GLY A 230 12.06 18.53 13.79
C GLY A 230 12.18 18.82 12.30
N ASP A 231 11.24 18.30 11.52
CA ASP A 231 11.28 18.45 10.06
C ASP A 231 11.11 19.90 9.61
N ARG A 232 11.66 20.19 8.43
CA ARG A 232 11.56 21.53 7.84
C ARG A 232 10.21 21.71 7.16
N GLU A 233 9.93 22.95 6.77
CA GLU A 233 8.70 23.31 6.06
C GLU A 233 8.61 22.59 4.72
N SER A 234 7.42 22.08 4.40
CA SER A 234 7.18 21.41 3.12
C SER A 234 6.61 22.38 2.10
N PHE A 235 6.96 22.17 0.84
CA PHE A 235 6.45 22.95 -0.28
C PHE A 235 5.83 22.01 -1.29
N ALA A 236 4.98 22.57 -2.14
CA ALA A 236 4.22 21.79 -3.13
C ALA A 236 4.48 22.30 -4.54
N LEU A 237 4.54 21.35 -5.48
CA LEU A 237 4.58 21.64 -6.90
C LEU A 237 3.26 21.17 -7.48
N LEU A 238 2.47 22.09 -8.03
CA LEU A 238 1.09 21.82 -8.44
C LEU A 238 0.88 21.94 -9.95
N HIS A 239 0.33 20.88 -10.53
CA HIS A 239 -0.05 20.78 -11.95
C HIS A 239 -1.56 20.48 -11.94
N PRO A 240 -2.30 20.82 -13.02
CA PRO A 240 -3.74 20.45 -13.06
C PRO A 240 -4.06 18.95 -12.86
N ASP A 241 -3.14 18.10 -13.32
CA ASP A 241 -3.26 16.64 -13.26
C ASP A 241 -2.19 15.98 -12.40
N GLY A 242 -1.62 16.72 -11.46
CA GLY A 242 -0.61 16.17 -10.56
C GLY A 242 -0.05 17.13 -9.54
N TYR A 243 0.46 16.57 -8.44
CA TYR A 243 1.16 17.34 -7.42
C TYR A 243 2.34 16.57 -6.86
N ALA A 244 3.29 17.32 -6.28
CA ALA A 244 4.39 16.75 -5.52
C ALA A 244 4.56 17.57 -4.24
N LEU A 245 4.80 16.87 -3.14
CA LEU A 245 5.07 17.49 -1.84
C LEU A 245 6.47 17.13 -1.44
N TYR A 246 7.25 18.12 -1.01
CA TYR A 246 8.64 17.89 -0.68
C TYR A 246 9.15 18.84 0.39
N ARG A 247 10.21 18.41 1.06
CA ARG A 247 10.92 19.21 2.04
C ARG A 247 12.41 18.90 1.94
N VAL A 248 13.23 19.85 2.38
CA VAL A 248 14.67 19.62 2.50
C VAL A 248 14.88 18.75 3.73
N ASP A 249 15.81 17.80 3.64
CA ASP A 249 16.13 16.91 4.75
C ASP A 249 16.69 17.71 5.93
N ARG A 250 16.30 17.28 7.12
CA ARG A 250 16.67 17.90 8.40
C ARG A 250 18.17 18.13 8.57
N THR A 251 18.94 17.06 8.34
CA THR A 251 20.38 17.04 8.60
C THR A 251 21.19 17.33 7.34
N ASP A 252 20.86 16.62 6.26
CA ASP A 252 21.48 16.83 4.94
C ASP A 252 20.75 17.94 4.18
N LEU A 253 21.34 19.13 4.16
CA LEU A 253 20.72 20.31 3.55
C LEU A 253 20.79 20.36 2.02
N LYS A 254 21.51 19.42 1.42
CA LYS A 254 21.57 19.28 -0.05
C LYS A 254 20.72 18.11 -0.57
N LEU A 255 19.89 17.52 0.30
CA LEU A 255 18.94 16.48 -0.08
C LEU A 255 17.51 16.97 0.07
N ALA A 256 16.71 16.81 -0.98
CA ALA A 256 15.26 17.08 -0.93
C ALA A 256 14.49 15.77 -0.95
N ARG A 257 13.62 15.58 0.03
CA ARG A 257 12.80 14.37 0.14
C ARG A 257 11.38 14.63 -0.37
N VAL A 258 11.01 13.96 -1.47
CA VAL A 258 9.65 13.99 -1.98
C VAL A 258 8.82 13.02 -1.14
N SER A 259 8.01 13.56 -0.23
CA SER A 259 7.14 12.75 0.62
C SER A 259 6.00 12.08 -0.14
N GLU A 260 5.51 12.77 -1.18
CA GLU A 260 4.41 12.28 -2.00
C GLU A 260 4.43 12.92 -3.38
N LEU A 261 4.16 12.09 -4.40
CA LEU A 261 3.99 12.56 -5.78
C LEU A 261 2.87 11.75 -6.42
N ARG A 262 1.85 12.46 -6.90
CA ARG A 262 0.70 11.84 -7.56
C ARG A 262 0.45 12.51 -8.89
N ALA A 263 0.45 11.70 -9.96
CA ALA A 263 0.23 12.18 -11.32
C ALA A 263 -0.79 11.31 -12.02
N VAL A 264 -1.77 11.96 -12.63
CA VAL A 264 -2.87 11.30 -13.35
C VAL A 264 -2.48 11.03 -14.81
N THR A 265 -1.68 11.92 -15.39
CA THR A 265 -1.18 11.79 -16.76
C THR A 265 0.35 11.75 -16.79
N ALA A 266 0.89 11.37 -17.93
CA ALA A 266 2.35 11.32 -18.16
C ALA A 266 2.96 12.72 -18.27
N ASP A 267 2.22 13.65 -18.88
CA ASP A 267 2.61 15.06 -18.96
C ASP A 267 2.82 15.68 -17.58
N ALA A 268 1.86 15.46 -16.69
CA ALA A 268 1.94 15.92 -15.30
C ALA A 268 3.14 15.32 -14.58
N HIS A 269 3.34 14.02 -14.75
CA HIS A 269 4.47 13.32 -14.13
C HIS A 269 5.82 13.89 -14.56
N CYS A 270 6.00 14.04 -15.88
CA CYS A 270 7.22 14.62 -16.44
C CYS A 270 7.41 16.09 -16.04
N ALA A 271 6.33 16.88 -16.08
CA ALA A 271 6.36 18.30 -15.72
C ALA A 271 6.78 18.52 -14.26
N LEU A 272 6.26 17.69 -13.36
CA LEU A 272 6.64 17.74 -11.94
C LEU A 272 8.12 17.42 -11.72
N TRP A 273 8.65 16.43 -12.45
CA TRP A 273 10.07 16.08 -12.35
C TRP A 273 11.03 17.08 -12.97
N ARG A 274 10.58 17.80 -13.99
CA ARG A 274 11.32 18.95 -14.52
C ARG A 274 11.47 20.05 -13.46
N ALA A 275 10.40 20.30 -12.72
CA ALA A 275 10.42 21.25 -11.61
C ALA A 275 11.29 20.76 -10.45
N LEU A 276 11.18 19.49 -10.10
CA LEU A 276 11.99 18.90 -9.02
C LEU A 276 13.49 18.89 -9.33
N ILE A 277 13.85 18.60 -10.57
CA ILE A 277 15.24 18.67 -11.04
C ILE A 277 15.69 20.14 -11.17
N GLY A 278 14.72 21.04 -11.31
CA GLY A 278 14.96 22.48 -11.17
C GLY A 278 15.28 22.99 -9.77
N LEU A 279 15.24 22.14 -8.74
CA LEU A 279 15.71 22.53 -7.39
C LEU A 279 17.24 22.64 -7.38
N ASP A 280 17.75 23.74 -7.93
CA ASP A 280 19.19 23.93 -8.15
C ASP A 280 20.02 24.06 -6.86
N SER A 281 19.34 24.37 -5.75
CA SER A 281 19.94 24.38 -4.42
C SER A 281 20.42 23.00 -3.95
N MET A 282 19.72 21.96 -4.39
CA MET A 282 19.97 20.58 -3.94
C MET A 282 20.98 19.86 -4.81
N GLU A 283 21.63 18.86 -4.21
CA GLU A 283 22.46 17.89 -4.91
C GLU A 283 21.62 16.68 -5.31
N ARG A 284 20.81 16.19 -4.38
CA ARG A 284 20.02 14.98 -4.56
C ARG A 284 18.53 15.18 -4.26
N ILE A 285 17.70 14.41 -4.97
CA ILE A 285 16.25 14.37 -4.80
C ILE A 285 15.90 12.91 -4.53
N SER A 286 15.29 12.62 -3.37
CA SER A 286 14.88 11.24 -3.06
C SER A 286 13.36 11.10 -3.00
N ILE A 287 12.88 9.95 -3.47
CA ILE A 287 11.45 9.63 -3.48
C ILE A 287 11.27 8.13 -3.27
N ILE A 288 10.18 7.78 -2.59
CA ILE A 288 9.72 6.40 -2.47
C ILE A 288 8.62 6.24 -3.50
N THR A 289 8.84 5.34 -4.44
CA THR A 289 7.93 5.11 -5.53
C THR A 289 7.77 3.59 -5.75
N HIS A 290 7.49 3.19 -6.99
CA HIS A 290 7.23 1.81 -7.35
C HIS A 290 8.21 1.38 -8.47
N PRO A 291 8.40 0.06 -8.67
CA PRO A 291 9.36 -0.45 -9.67
C PRO A 291 9.19 0.01 -11.11
N GLN A 292 7.95 0.30 -11.52
CA GLN A 292 7.65 0.78 -12.88
C GLN A 292 7.63 2.30 -13.05
N ASP A 293 8.09 3.06 -12.06
CA ASP A 293 8.20 4.52 -12.20
C ASP A 293 9.00 4.83 -13.47
N PRO A 294 8.42 5.61 -14.40
CA PRO A 294 9.11 5.90 -15.66
C PRO A 294 10.24 6.96 -15.59
N LEU A 295 10.49 7.53 -14.41
CA LEU A 295 11.50 8.57 -14.22
C LEU A 295 12.90 8.28 -14.81
N PRO A 296 13.44 7.07 -14.62
CA PRO A 296 14.75 6.78 -15.23
C PRO A 296 14.79 7.03 -16.74
N HIS A 297 13.70 6.68 -17.43
CA HIS A 297 13.60 6.82 -18.90
C HIS A 297 13.33 8.26 -19.39
N LEU A 298 12.93 9.14 -18.47
CA LEU A 298 12.82 10.58 -18.75
C LEU A 298 14.17 11.28 -18.97
N LEU A 299 15.25 10.68 -18.45
CA LEU A 299 16.59 11.27 -18.51
C LEU A 299 17.46 10.64 -19.59
N THR A 300 18.46 11.40 -20.04
CA THR A 300 19.45 10.91 -21.01
C THR A 300 20.35 9.83 -20.42
N ASP A 301 20.62 9.93 -19.11
CA ASP A 301 21.36 8.93 -18.35
C ASP A 301 20.40 8.28 -17.35
N THR A 302 19.95 7.07 -17.67
CA THR A 302 19.03 6.30 -16.82
C THR A 302 19.63 5.93 -15.45
N ARG A 303 20.95 5.85 -15.39
CA ARG A 303 21.68 5.47 -14.18
C ARG A 303 21.65 6.53 -13.07
N LEU A 304 21.43 7.79 -13.45
CA LEU A 304 21.33 8.88 -12.47
C LEU A 304 20.20 8.69 -11.46
N ALA A 305 19.12 8.02 -11.88
CA ALA A 305 18.05 7.59 -10.98
C ALA A 305 18.41 6.27 -10.30
N ARG A 306 19.23 6.36 -9.25
CA ARG A 306 19.71 5.19 -8.50
C ARG A 306 18.66 4.63 -7.54
N THR A 307 18.50 3.31 -7.55
CA THR A 307 17.64 2.60 -6.59
C THR A 307 18.43 2.34 -5.30
N THR A 308 18.14 3.13 -4.27
CA THR A 308 18.86 3.08 -3.00
C THR A 308 18.22 2.18 -1.94
N TRP A 309 16.97 1.80 -2.15
CA TRP A 309 16.20 1.04 -1.15
C TRP A 309 15.05 0.30 -1.80
N ARG A 310 14.68 -0.82 -1.20
CA ARG A 310 13.72 -1.75 -1.78
C ARG A 310 13.03 -2.50 -0.64
N GLN A 311 11.70 -2.50 -0.63
CA GLN A 311 10.95 -3.16 0.44
C GLN A 311 9.50 -3.45 0.06
N ASP A 312 8.94 -4.49 0.68
CA ASP A 312 7.51 -4.77 0.64
C ASP A 312 6.70 -3.61 1.20
N GLY A 313 5.61 -3.27 0.52
CA GLY A 313 4.71 -2.19 0.93
C GLY A 313 3.46 -2.74 1.61
N LEU A 314 2.38 -2.86 0.85
CA LEU A 314 1.10 -3.33 1.36
C LEU A 314 1.08 -4.86 1.38
N TRP A 315 0.62 -5.44 2.49
CA TRP A 315 0.41 -6.88 2.60
C TRP A 315 -1.09 -7.16 2.53
N LEU A 316 -1.44 -8.31 1.94
CA LEU A 316 -2.84 -8.67 1.66
C LEU A 316 -3.15 -10.08 2.18
N ARG A 317 -4.25 -10.19 2.92
CA ARG A 317 -4.85 -11.49 3.25
C ARG A 317 -6.22 -11.57 2.58
N ILE A 318 -6.38 -12.54 1.68
CA ILE A 318 -7.67 -12.82 1.05
C ILE A 318 -8.53 -13.56 2.08
N MET A 319 -9.61 -12.90 2.51
CA MET A 319 -10.53 -13.47 3.50
C MET A 319 -11.47 -14.47 2.83
N ASN A 320 -12.03 -14.06 1.70
CA ASN A 320 -12.92 -14.88 0.87
C ASN A 320 -12.30 -15.06 -0.51
N VAL A 321 -11.93 -16.29 -0.85
CA VAL A 321 -11.24 -16.60 -2.11
C VAL A 321 -12.12 -16.36 -3.35
N PRO A 322 -13.31 -16.98 -3.43
CA PRO A 322 -14.14 -16.75 -4.62
C PRO A 322 -14.64 -15.31 -4.80
N ALA A 323 -14.94 -14.62 -3.70
CA ALA A 323 -15.35 -13.20 -3.76
C ALA A 323 -14.21 -12.31 -4.28
N ALA A 324 -13.01 -12.52 -3.75
CA ALA A 324 -11.83 -11.78 -4.17
C ALA A 324 -11.48 -12.02 -5.63
N LEU A 325 -11.42 -13.28 -6.04
CA LEU A 325 -11.04 -13.65 -7.41
C LEU A 325 -12.06 -13.22 -8.47
N GLU A 326 -13.35 -13.31 -8.15
CA GLU A 326 -14.40 -12.86 -9.09
C GLU A 326 -14.55 -11.35 -9.21
N ALA A 327 -14.21 -10.60 -8.16
CA ALA A 327 -14.34 -9.15 -8.16
C ALA A 327 -13.27 -8.46 -9.02
N ARG A 328 -12.08 -9.03 -9.01
CA ARG A 328 -10.92 -8.50 -9.71
C ARG A 328 -11.06 -8.63 -11.24
N GLY A 329 -10.51 -7.65 -11.96
CA GLY A 329 -10.40 -7.72 -13.42
C GLY A 329 -9.11 -8.40 -13.85
N TYR A 330 -9.15 -9.08 -15.00
CA TYR A 330 -8.00 -9.82 -15.53
C TYR A 330 -7.61 -9.36 -16.92
N ALA A 331 -6.43 -9.78 -17.37
CA ALA A 331 -5.90 -9.37 -18.66
C ALA A 331 -6.71 -9.99 -19.80
N HIS A 332 -7.14 -9.14 -20.74
CA HIS A 332 -7.89 -9.59 -21.92
C HIS A 332 -7.04 -10.33 -22.97
N GLU A 333 -5.72 -10.22 -22.87
CA GLU A 333 -4.79 -10.77 -23.87
C GLU A 333 -4.79 -12.29 -23.86
N VAL A 334 -4.68 -12.88 -22.68
CA VAL A 334 -4.75 -14.33 -22.51
C VAL A 334 -6.14 -14.83 -22.92
N GLY A 335 -6.17 -15.97 -23.62
CA GLY A 335 -7.41 -16.61 -24.03
C GLY A 335 -8.05 -17.33 -22.87
N GLU A 336 -9.30 -17.75 -23.06
CA GLU A 336 -10.06 -18.46 -22.02
C GLU A 336 -9.39 -19.77 -21.62
N PHE A 337 -9.22 -19.97 -20.31
CA PHE A 337 -8.74 -21.24 -19.76
C PHE A 337 -9.41 -21.57 -18.42
N SER A 338 -9.32 -22.84 -18.06
CA SER A 338 -9.94 -23.38 -16.84
C SER A 338 -8.91 -24.17 -16.04
N THR A 339 -9.08 -24.17 -14.71
CA THR A 339 -8.17 -24.88 -13.82
C THR A 339 -8.82 -25.13 -12.46
N VAL A 340 -8.10 -25.89 -11.62
CA VAL A 340 -8.53 -26.18 -10.26
C VAL A 340 -7.46 -25.66 -9.30
N LEU A 341 -7.84 -24.67 -8.49
CA LEU A 341 -6.97 -24.07 -7.47
C LEU A 341 -7.37 -24.56 -6.09
N GLU A 342 -6.39 -25.02 -5.32
CA GLU A 342 -6.56 -25.26 -3.88
C GLU A 342 -5.75 -24.24 -3.09
N VAL A 343 -6.42 -23.59 -2.14
CA VAL A 343 -5.74 -22.82 -1.08
C VAL A 343 -5.68 -23.77 0.12
N SER A 344 -4.51 -23.80 0.78
CA SER A 344 -4.19 -24.81 1.80
C SER A 344 -5.30 -25.10 2.83
N ASP A 345 -5.77 -24.05 3.49
CA ASP A 345 -6.92 -24.14 4.40
C ASP A 345 -7.96 -23.05 4.05
N GLY A 346 -8.23 -22.92 2.76
CA GLY A 346 -9.19 -21.93 2.25
C GLY A 346 -10.07 -22.40 1.10
N GLY A 347 -10.24 -23.73 0.97
CA GLY A 347 -11.10 -24.33 -0.05
C GLY A 347 -10.42 -24.69 -1.36
N ARG A 348 -11.12 -25.47 -2.17
CA ARG A 348 -10.69 -25.81 -3.54
C ARG A 348 -11.74 -25.36 -4.54
N PHE A 349 -11.29 -24.76 -5.64
CA PHE A 349 -12.20 -24.08 -6.59
C PHE A 349 -11.89 -24.34 -8.05
N ALA A 350 -12.94 -24.50 -8.84
CA ALA A 350 -12.85 -24.49 -10.30
C ALA A 350 -12.77 -23.04 -10.75
N LEU A 351 -11.60 -22.66 -11.26
CA LEU A 351 -11.33 -21.28 -11.68
C LEU A 351 -11.30 -21.19 -13.21
N LYS A 352 -12.29 -20.48 -13.77
CA LYS A 352 -12.41 -20.22 -15.20
C LYS A 352 -12.21 -18.73 -15.43
N ILE A 353 -11.21 -18.39 -16.24
CA ILE A 353 -10.89 -16.99 -16.58
C ILE A 353 -11.02 -16.79 -18.08
N GLY A 354 -11.76 -15.74 -18.48
CA GLY A 354 -11.95 -15.40 -19.89
C GLY A 354 -12.65 -14.06 -20.04
N ASP A 355 -12.33 -13.34 -21.12
CA ASP A 355 -12.84 -11.98 -21.39
C ASP A 355 -12.57 -10.99 -20.24
N GLY A 356 -11.40 -11.12 -19.62
CA GLY A 356 -10.99 -10.28 -18.50
C GLY A 356 -11.77 -10.46 -17.20
N ARG A 357 -12.45 -11.59 -17.06
CA ARG A 357 -13.24 -11.90 -15.87
C ARG A 357 -12.96 -13.32 -15.42
N ALA A 358 -13.32 -13.59 -14.16
CA ALA A 358 -13.14 -14.90 -13.57
C ALA A 358 -14.43 -15.41 -12.94
N ARG A 359 -14.57 -16.73 -12.96
CA ARG A 359 -15.64 -17.43 -12.29
C ARG A 359 -15.00 -18.51 -11.42
N CYS A 360 -15.40 -18.56 -10.14
CA CYS A 360 -14.70 -19.32 -9.12
C CYS A 360 -15.70 -20.08 -8.24
N THR A 361 -15.91 -21.35 -8.57
CA THR A 361 -16.95 -22.18 -7.94
C THR A 361 -16.34 -23.36 -7.16
N PRO A 362 -17.03 -23.85 -6.11
CA PRO A 362 -16.51 -24.99 -5.35
C PRO A 362 -16.40 -26.27 -6.19
N THR A 363 -15.41 -27.09 -5.87
CA THR A 363 -15.20 -28.36 -6.55
C THR A 363 -14.42 -29.32 -5.66
N ASP A 364 -14.64 -30.62 -5.86
CA ASP A 364 -13.81 -31.67 -5.27
C ASP A 364 -12.92 -32.38 -6.30
N ALA A 365 -12.89 -31.85 -7.53
CA ALA A 365 -12.00 -32.35 -8.59
C ALA A 365 -10.54 -32.15 -8.21
N ALA A 366 -9.66 -32.95 -8.78
CA ALA A 366 -8.22 -32.92 -8.44
C ALA A 366 -7.61 -31.54 -8.69
N ALA A 367 -6.82 -31.06 -7.73
CA ALA A 367 -6.19 -29.75 -7.81
C ALA A 367 -5.04 -29.73 -8.80
N GLU A 368 -5.03 -28.71 -9.64
CA GLU A 368 -3.95 -28.47 -10.62
C GLU A 368 -2.91 -27.48 -10.09
N ILE A 369 -3.37 -26.54 -9.25
CA ILE A 369 -2.52 -25.55 -8.59
C ILE A 369 -2.78 -25.62 -7.08
N GLU A 370 -1.70 -25.53 -6.30
CA GLU A 370 -1.78 -25.48 -4.84
C GLU A 370 -0.92 -24.35 -4.32
N MET A 371 -1.42 -23.63 -3.33
CA MET A 371 -0.68 -22.55 -2.68
C MET A 371 -1.29 -22.25 -1.32
N ASP A 372 -0.46 -21.68 -0.44
CA ASP A 372 -0.96 -21.12 0.83
C ASP A 372 -1.73 -19.83 0.56
N ARG A 373 -2.51 -19.42 1.55
CA ARG A 373 -3.38 -18.24 1.46
C ARG A 373 -2.59 -16.96 1.15
N ASP A 374 -1.47 -16.79 1.83
CA ASP A 374 -0.62 -15.61 1.66
C ASP A 374 -0.02 -15.45 0.25
N VAL A 375 0.23 -16.57 -0.42
CA VAL A 375 0.75 -16.55 -1.79
C VAL A 375 -0.26 -15.92 -2.74
N LEU A 376 -1.54 -16.25 -2.55
CA LEU A 376 -2.63 -15.67 -3.33
C LEU A 376 -2.72 -14.16 -3.16
N GLY A 377 -2.49 -13.67 -1.94
CA GLY A 377 -2.39 -12.24 -1.65
C GLY A 377 -1.28 -11.53 -2.41
N SER A 378 -0.11 -12.17 -2.46
CA SER A 378 1.03 -11.65 -3.23
C SER A 378 0.80 -11.61 -4.74
N LEU A 379 -0.01 -12.54 -5.25
CA LEU A 379 -0.40 -12.55 -6.67
C LEU A 379 -1.51 -11.56 -7.01
N TYR A 380 -2.33 -11.22 -6.02
CA TYR A 380 -3.66 -10.63 -6.26
C TYR A 380 -3.66 -9.31 -7.04
N LEU A 381 -2.74 -8.41 -6.71
CA LEU A 381 -2.65 -7.12 -7.39
C LEU A 381 -1.72 -7.12 -8.61
N GLY A 382 -1.00 -8.22 -8.83
CA GLY A 382 -0.12 -8.38 -10.00
C GLY A 382 1.31 -7.91 -9.80
N ALA A 383 1.72 -7.75 -8.54
CA ALA A 383 3.09 -7.31 -8.21
C ALA A 383 4.12 -8.43 -8.30
N HIS A 384 3.69 -9.66 -8.01
CA HIS A 384 4.57 -10.84 -8.06
C HIS A 384 4.04 -11.84 -9.09
N ARG A 385 4.92 -12.32 -9.95
CA ARG A 385 4.57 -13.31 -10.97
C ARG A 385 4.41 -14.69 -10.34
N ALA A 386 3.48 -15.48 -10.87
CA ALA A 386 3.23 -16.84 -10.39
C ALA A 386 4.40 -17.79 -10.66
N SER A 387 5.13 -17.56 -11.75
CA SER A 387 6.32 -18.35 -12.10
C SER A 387 7.46 -18.18 -11.08
N THR A 388 7.60 -16.97 -10.55
CA THR A 388 8.62 -16.65 -9.55
C THR A 388 8.35 -17.36 -8.23
N LEU A 389 7.10 -17.28 -7.78
CA LEU A 389 6.64 -18.00 -6.59
C LEU A 389 6.66 -19.53 -6.78
N ALA A 390 6.37 -19.97 -8.01
CA ALA A 390 6.50 -21.39 -8.38
C ALA A 390 7.96 -21.87 -8.33
N ALA A 391 8.88 -21.01 -8.75
CA ALA A 391 10.32 -21.29 -8.68
C ALA A 391 10.85 -21.44 -7.24
N ALA A 392 10.19 -20.76 -6.30
CA ALA A 392 10.45 -20.95 -4.86
C ALA A 392 9.63 -22.09 -4.22
N ASN A 393 8.83 -22.80 -5.03
CA ASN A 393 7.90 -23.85 -4.59
C ASN A 393 6.81 -23.34 -3.62
N ARG A 394 6.48 -22.06 -3.71
CA ARG A 394 5.41 -21.46 -2.90
C ARG A 394 4.05 -21.71 -3.52
N LEU A 395 4.02 -22.02 -4.82
CA LEU A 395 2.84 -22.60 -5.44
C LEU A 395 3.23 -23.80 -6.30
N ARG A 396 2.59 -24.95 -6.02
CA ARG A 396 2.88 -26.20 -6.71
C ARG A 396 1.95 -26.38 -7.89
N THR A 397 2.54 -26.76 -9.03
CA THR A 397 1.78 -27.19 -10.20
C THR A 397 2.71 -27.95 -11.16
N LYS A 398 2.19 -29.02 -11.75
CA LYS A 398 2.96 -29.84 -12.71
C LYS A 398 2.78 -29.38 -14.17
N ASP A 399 2.06 -28.27 -14.36
CA ASP A 399 1.73 -27.75 -15.69
C ASP A 399 2.34 -26.35 -15.85
N SER A 400 3.39 -26.27 -16.66
CA SER A 400 4.10 -25.00 -16.90
C SER A 400 3.33 -24.05 -17.84
N GLN A 401 2.47 -24.61 -18.69
CA GLN A 401 1.56 -23.83 -19.53
C GLN A 401 0.53 -23.07 -18.67
N LEU A 402 0.04 -23.75 -17.64
CA LEU A 402 -0.88 -23.15 -16.68
C LEU A 402 -0.23 -21.98 -15.92
N LEU A 403 1.04 -22.12 -15.60
CA LEU A 403 1.83 -21.04 -14.98
C LEU A 403 1.93 -19.79 -15.85
N ARG A 404 2.23 -19.99 -17.14
CA ARG A 404 2.30 -18.90 -18.10
C ARG A 404 0.97 -18.17 -18.22
N ARG A 405 -0.12 -18.93 -18.27
CA ARG A 405 -1.48 -18.38 -18.31
C ARG A 405 -1.86 -17.59 -17.05
N LEU A 406 -1.47 -18.11 -15.89
CA LEU A 406 -1.70 -17.41 -14.62
C LEU A 406 -0.94 -16.09 -14.55
N ASP A 407 0.36 -16.16 -14.84
CA ASP A 407 1.22 -14.97 -14.98
C ASP A 407 0.55 -13.85 -15.79
N ALA A 408 0.12 -14.19 -17.01
CA ALA A 408 -0.47 -13.23 -17.93
C ALA A 408 -1.85 -12.74 -17.47
N ALA A 409 -2.68 -13.67 -16.99
CA ALA A 409 -4.03 -13.34 -16.51
C ALA A 409 -4.01 -12.39 -15.29
N PHE A 410 -3.22 -12.76 -14.29
CA PHE A 410 -3.09 -11.97 -13.05
C PHE A 410 -2.25 -10.70 -13.19
N ALA A 411 -1.54 -10.53 -14.29
CA ALA A 411 -0.81 -9.29 -14.55
C ALA A 411 -1.76 -8.09 -14.65
N SER A 412 -1.26 -6.92 -14.27
CA SER A 412 -2.02 -5.68 -14.28
C SER A 412 -1.42 -4.72 -15.31
N ASP A 413 -2.27 -4.12 -16.14
CA ASP A 413 -1.82 -3.20 -17.18
C ASP A 413 -1.40 -1.84 -16.60
N VAL A 414 -2.11 -1.39 -15.57
CA VAL A 414 -1.69 -0.22 -14.79
C VAL A 414 -0.79 -0.75 -13.65
N PRO A 415 0.44 -0.20 -13.51
CA PRO A 415 1.36 -0.73 -12.51
C PRO A 415 0.85 -0.60 -11.07
N VAL A 416 1.29 -1.52 -10.21
CA VAL A 416 0.83 -1.59 -8.84
C VAL A 416 1.59 -0.54 -8.03
N GLN A 417 0.86 0.21 -7.20
CA GLN A 417 1.44 1.28 -6.39
C GLN A 417 0.99 1.20 -4.95
N THR A 418 1.68 1.93 -4.08
CA THR A 418 1.36 1.98 -2.65
C THR A 418 0.80 3.37 -2.34
N ALA A 419 -0.40 3.40 -1.75
CA ALA A 419 -1.13 4.65 -1.52
C ALA A 419 -0.57 5.44 -0.34
N PHE A 420 -0.80 4.92 0.86
CA PHE A 420 -0.25 5.51 2.08
C PHE A 420 -0.15 4.45 3.18
N GLU A 421 0.81 4.65 4.07
CA GLU A 421 1.02 3.74 5.19
C GLU A 421 -0.03 3.92 6.27
N PHE A 422 -0.33 2.82 6.96
CA PHE A 422 -1.27 2.82 8.07
C PHE A 422 -0.92 1.69 9.04
N9A COA B . 5.39 -14.47 16.80
C1B COA B . 4.77 -15.82 16.68
C2B COA B . 5.33 -16.78 17.71
O2B COA B . 6.41 -17.54 17.15
C3B COA B . 4.15 -17.62 18.13
O3B COA B . 4.08 -18.86 17.41
P3B COA B . 4.67 -20.25 17.96
O7A COA B . 4.16 -20.37 19.37
O8A COA B . 6.17 -20.09 17.86
O9A COA B . 4.10 -21.28 17.01
C4B COA B . 2.92 -16.76 17.80
O4B COA B . 3.36 -15.74 16.89
C5B COA B . 2.24 -16.13 19.03
O5B COA B . 2.46 -14.72 19.07
P1A COA B . 2.81 -13.94 20.44
O1A COA B . 3.86 -14.77 21.14
O2A COA B . 1.49 -13.67 21.11
O3A COA B . 3.47 -12.52 19.99
P2A COA B . 4.94 -12.03 20.49
O4A COA B . 5.97 -12.75 19.65
O5A COA B . 5.01 -12.20 21.99
O6A COA B . 5.07 -10.43 20.21
CBP COA B . 4.66 -8.72 18.54
CCP COA B . 5.60 -9.83 19.02
CDP COA B . 5.26 -7.33 18.30
CEP COA B . 3.20 -9.25 18.78
CAP COA B . 4.75 -9.06 16.99
OAP COA B . 4.23 -10.34 16.61
C9P COA B . 4.19 -8.10 15.93
O9P COA B . 4.69 -8.21 14.84
N8P COA B . 3.35 -7.07 16.09
C7P COA B . 3.43 -6.02 15.09
C6P COA B . 2.92 -4.66 15.55
C5P COA B . 2.73 -3.74 14.37
O5P COA B . 3.39 -3.90 13.35
N4P COA B . 1.81 -2.78 14.49
C3P COA B . 1.45 -1.88 13.41
C2P COA B . 0.38 -2.44 12.48
S1P COA B . 1.04 -3.76 11.42
C5 CJ7 C . -5.28 5.00 16.17
C4 CJ7 C . -6.32 4.11 15.88
N4 CJ7 C . -2.65 6.80 16.26
C3 CJ7 C . -6.25 3.33 14.72
C2 CJ7 C . -5.17 3.43 13.84
C1 CJ7 C . -4.13 4.32 14.12
N2 CJ7 C . 1.91 6.93 11.00
C CJ7 C . -2.45 4.11 12.23
N3 CJ7 C . -1.42 7.45 16.04
N1 CJ7 C . -1.10 6.26 14.03
F CJ7 C . -7.37 3.99 16.70
C6 CJ7 C . -4.22 5.06 15.28
C7 CJ7 C . -3.03 5.90 15.33
C8 CJ7 C . -2.28 5.61 14.21
N CJ7 C . -2.96 4.67 13.51
C9 CJ7 C . -0.68 7.18 14.94
S CJ7 C . 0.79 7.98 14.68
C10 CJ7 C . 1.66 7.20 13.36
C11 CJ7 C . 1.17 7.70 12.01
C12 CJ7 C . 1.01 6.08 10.18
C13 CJ7 C . 1.88 5.06 9.45
C14 CJ7 C . 2.95 5.75 8.60
C15 CJ7 C . 3.70 6.86 9.33
C16 CJ7 C . 2.76 7.76 10.14
NA NA D . 2.86 -12.31 22.14
S SO4 E . 4.21 4.46 -5.04
O1 SO4 E . 2.98 5.27 -5.06
O2 SO4 E . 4.94 4.67 -3.78
O3 SO4 E . 3.85 3.02 -5.16
O4 SO4 E . 5.02 4.91 -6.21
#